data_6VNX
#
_entry.id   6VNX
#
_cell.length_a   36.406
_cell.length_b   73.559
_cell.length_c   103.825
_cell.angle_alpha   90.000
_cell.angle_beta   90.000
_cell.angle_gamma   90.000
#
_symmetry.space_group_name_H-M   'P 21 21 21'
#
loop_
_entity.id
_entity.type
_entity.pdbx_description
1 polymer 'Non-receptor tyrosine-protein kinase TYK2'
2 non-polymer (1S)-2,2-difluoro-N-[(1S,5R,6R)-3-{5-fluoro-2-[(1-methyl-1H-pyrazol-4-yl)amino]pyrimidin-4-yl}-6-methyl-3-azabicyclo[3.1.0]hexan-1-yl]cyclopropane-1-carboxamide
3 water water
#
_entity_poly.entity_id   1
_entity_poly.type   'polypeptide(L)'
_entity_poly.pdbx_seq_one_letter_code
;MAHHHHHHHHHHGALEVLFQGPGDPTVFHKRYLKKIRDLGEGHFGKVSLYCYDPTNDGTGEMVAVKALKADAGPQHRSGW
KQEIDILRTLYHEHIIKYKGCCEDAGAASLQLVMEYVPLGSLRDYLPRHSIGLAQLLLFAQQICEGMAYLHSQHYIHRDL
AARNVLLDNDRLVKIGDFGLAKAVPEGHE(PTR)YRVREDGDSPVFWYAPECLKEYKFYYASDVWSFGVTLYELLTHCDS
SQSPPTKFLELIGIAQGQMTVLRLTELLERGERLPRPDKCPAEVYHLMKNCWETEASFRPTFENLIPILKTVHEKYQGQA
PS
;
_entity_poly.pdbx_strand_id   A
#
loop_
_chem_comp.id
_chem_comp.type
_chem_comp.name
_chem_comp.formula
R4V non-polymer (1S)-2,2-difluoro-N-[(1S,5R,6R)-3-{5-fluoro-2-[(1-methyl-1H-pyrazol-4-yl)amino]pyrimidin-4-yl}-6-methyl-3-azabicyclo[3.1.0]hexan-1-yl]cyclopropane-1-carboxamide 'C18 H20 F3 N7 O'
#
# COMPACT_ATOMS: atom_id res chain seq x y z
N PRO A 25 8.55 -12.09 18.51
CA PRO A 25 9.41 -12.85 19.44
C PRO A 25 10.08 -14.07 18.81
N THR A 26 9.44 -14.69 17.78
CA THR A 26 9.94 -15.86 17.06
C THR A 26 11.25 -15.55 16.36
N VAL A 27 12.24 -16.43 16.54
CA VAL A 27 13.53 -16.28 15.91
C VAL A 27 13.65 -17.32 14.82
N PHE A 28 14.09 -16.88 13.63
CA PHE A 28 14.33 -17.76 12.51
C PHE A 28 15.82 -18.02 12.44
N HIS A 29 16.19 -19.28 12.35
CA HIS A 29 17.58 -19.64 12.29
C HIS A 29 17.99 -19.63 10.84
N LYS A 30 18.93 -18.74 10.46
CA LYS A 30 19.44 -18.57 9.10
C LYS A 30 19.85 -19.87 8.38
N ARG A 31 20.40 -20.86 9.12
CA ARG A 31 20.83 -22.18 8.60
C ARG A 31 19.72 -23.00 7.91
N TYR A 32 18.45 -22.68 8.17
CA TYR A 32 17.33 -23.39 7.53
C TYR A 32 16.66 -22.56 6.41
N LEU A 33 17.13 -21.33 6.19
CA LEU A 33 16.60 -20.44 5.16
C LEU A 33 17.28 -20.71 3.83
N LYS A 34 16.49 -21.01 2.82
CA LYS A 34 17.00 -21.23 1.47
C LYS A 34 16.23 -20.30 0.56
N LYS A 35 16.96 -19.43 -0.15
CA LYS A 35 16.40 -18.45 -1.09
C LYS A 35 15.86 -19.14 -2.34
N ILE A 36 14.62 -18.80 -2.74
CA ILE A 36 13.96 -19.34 -3.93
C ILE A 36 14.03 -18.33 -5.09
N ARG A 37 13.52 -17.09 -4.87
CA ARG A 37 13.48 -16.00 -5.83
C ARG A 37 13.28 -14.67 -5.10
N ASP A 38 13.57 -13.54 -5.79
CA ASP A 38 13.28 -12.21 -5.25
C ASP A 38 11.81 -11.95 -5.47
N LEU A 39 11.18 -11.24 -4.53
CA LEU A 39 9.77 -10.87 -4.66
C LEU A 39 9.61 -9.41 -5.05
N GLY A 40 10.45 -8.54 -4.52
CA GLY A 40 10.42 -7.14 -4.84
C GLY A 40 11.58 -6.39 -4.23
N GLU A 41 11.70 -5.11 -4.56
CA GLU A 41 12.74 -4.24 -4.02
C GLU A 41 12.46 -2.79 -4.19
N GLY A 42 12.99 -2.02 -3.27
CA GLY A 42 12.88 -0.57 -3.26
C GLY A 42 14.27 0.00 -3.11
N HIS A 43 14.35 1.29 -2.84
CA HIS A 43 15.60 2.02 -2.66
C HIS A 43 16.41 1.49 -1.51
N PHE A 44 15.76 1.18 -0.37
CA PHE A 44 16.47 0.76 0.82
C PHE A 44 16.08 -0.63 1.33
N GLY A 45 15.05 -1.23 0.72
CA GLY A 45 14.58 -2.54 1.11
C GLY A 45 14.51 -3.55 0.00
N LYS A 46 14.47 -4.84 0.38
CA LYS A 46 14.31 -5.93 -0.58
C LYS A 46 13.55 -7.04 0.07
N VAL A 47 12.62 -7.64 -0.69
CA VAL A 47 11.80 -8.74 -0.26
C VAL A 47 12.12 -9.93 -1.17
N SER A 48 12.42 -11.08 -0.58
CA SER A 48 12.73 -12.33 -1.26
C SER A 48 11.95 -13.49 -0.65
N LEU A 49 11.57 -14.47 -1.48
CA LEU A 49 10.88 -15.68 -1.04
C LEU A 49 11.95 -16.69 -0.60
N TYR A 50 11.67 -17.40 0.49
CA TYR A 50 12.56 -18.39 1.05
C TYR A 50 11.77 -19.58 1.51
N CYS A 51 12.39 -20.77 1.47
CA CYS A 51 11.83 -21.98 2.05
C CYS A 51 12.59 -22.08 3.36
N TYR A 52 11.88 -22.25 4.46
CA TYR A 52 12.44 -22.39 5.80
C TYR A 52 12.34 -23.86 6.19
N ASP A 53 13.42 -24.63 5.98
CA ASP A 53 13.38 -26.08 6.18
C ASP A 53 14.26 -26.69 7.26
N PRO A 54 13.77 -26.76 8.53
CA PRO A 54 14.58 -27.39 9.59
C PRO A 54 14.60 -28.93 9.56
N THR A 55 14.49 -29.54 8.35
CA THR A 55 14.50 -30.99 8.18
C THR A 55 15.03 -31.43 6.79
N ASN A 56 14.89 -30.55 5.77
CA ASN A 56 15.23 -30.79 4.35
C ASN A 56 14.20 -31.73 3.69
N ASP A 57 13.06 -31.96 4.39
CA ASP A 57 11.97 -32.85 3.97
C ASP A 57 10.72 -32.08 3.43
N GLY A 58 9.56 -32.74 3.39
CA GLY A 58 8.30 -32.19 2.90
C GLY A 58 7.47 -31.33 3.85
N THR A 59 8.08 -30.77 4.90
CA THR A 59 7.34 -29.89 5.81
C THR A 59 7.71 -28.41 5.65
N GLY A 60 8.59 -28.12 4.67
CA GLY A 60 9.10 -26.79 4.38
C GLY A 60 8.04 -25.71 4.20
N GLU A 61 8.13 -24.65 5.02
CA GLU A 61 7.21 -23.52 4.95
C GLU A 61 7.83 -22.43 4.11
N MET A 62 7.01 -21.82 3.23
CA MET A 62 7.40 -20.73 2.35
C MET A 62 7.24 -19.42 3.15
N VAL A 63 8.27 -18.57 3.14
CA VAL A 63 8.25 -17.29 3.85
C VAL A 63 8.75 -16.16 2.96
N ALA A 64 8.24 -14.95 3.21
CA ALA A 64 8.65 -13.73 2.54
C ALA A 64 9.59 -13.02 3.51
N VAL A 65 10.82 -12.75 3.09
CA VAL A 65 11.82 -12.11 3.95
C VAL A 65 12.21 -10.71 3.47
N LYS A 66 11.88 -9.70 4.28
CA LYS A 66 12.24 -8.31 3.99
C LYS A 66 13.53 -7.94 4.74
N ALA A 67 14.52 -7.49 4.01
CA ALA A 67 15.82 -7.09 4.47
C ALA A 67 16.07 -5.62 4.13
N LEU A 68 16.79 -4.94 5.02
CA LEU A 68 17.18 -3.56 4.82
C LEU A 68 18.57 -3.61 4.22
N LYS A 69 18.79 -2.86 3.15
CA LYS A 69 20.07 -2.79 2.47
C LYS A 69 21.14 -2.25 3.42
N ALA A 70 22.29 -2.96 3.47
CA ALA A 70 23.43 -2.69 4.35
C ALA A 70 23.97 -1.25 4.28
N ASP A 71 23.80 -0.58 3.11
CA ASP A 71 24.22 0.78 2.79
C ASP A 71 23.24 1.88 3.23
N ALA A 72 22.13 1.50 3.89
CA ALA A 72 21.14 2.47 4.39
C ALA A 72 21.74 3.26 5.57
N GLY A 73 21.32 4.52 5.69
CA GLY A 73 21.79 5.41 6.75
C GLY A 73 21.04 5.27 8.05
N PRO A 74 21.39 6.11 9.06
CA PRO A 74 20.71 6.03 10.37
C PRO A 74 19.20 6.34 10.35
N GLN A 75 18.75 7.24 9.44
CA GLN A 75 17.33 7.58 9.28
C GLN A 75 16.53 6.34 8.89
N HIS A 76 16.96 5.63 7.83
CA HIS A 76 16.32 4.40 7.35
C HIS A 76 16.50 3.26 8.33
N ARG A 77 17.65 3.19 9.01
CA ARG A 77 17.93 2.15 10.00
C ARG A 77 17.01 2.24 11.20
N SER A 78 16.69 3.48 11.62
CA SER A 78 15.76 3.71 12.73
C SER A 78 14.32 3.55 12.23
N GLY A 79 14.07 3.88 10.96
CA GLY A 79 12.77 3.71 10.32
C GLY A 79 12.43 2.24 10.15
N TRP A 80 13.46 1.42 9.86
CA TRP A 80 13.34 -0.02 9.73
C TRP A 80 12.94 -0.67 11.07
N LYS A 81 13.60 -0.26 12.17
CA LYS A 81 13.34 -0.73 13.54
C LYS A 81 11.88 -0.48 13.90
N GLN A 82 11.41 0.74 13.56
CA GLN A 82 10.06 1.23 13.72
C GLN A 82 9.08 0.42 12.85
N GLU A 83 9.46 0.13 11.58
CA GLU A 83 8.63 -0.63 10.65
C GLU A 83 8.41 -2.04 11.20
N ILE A 84 9.50 -2.69 11.65
CA ILE A 84 9.46 -4.03 12.27
C ILE A 84 8.47 -4.00 13.45
N ASP A 85 8.65 -3.03 14.39
CA ASP A 85 7.79 -2.80 15.55
C ASP A 85 6.32 -2.65 15.15
N ILE A 86 6.04 -1.85 14.11
CA ILE A 86 4.68 -1.67 13.57
C ILE A 86 4.05 -3.01 13.19
N LEU A 87 4.75 -3.85 12.38
CA LEU A 87 4.21 -5.13 11.96
C LEU A 87 3.95 -6.13 13.09
N ARG A 88 4.80 -6.09 14.15
CA ARG A 88 4.69 -6.90 15.37
C ARG A 88 3.39 -6.62 16.11
N THR A 89 2.97 -5.34 16.18
CA THR A 89 1.73 -4.94 16.84
C THR A 89 0.48 -5.28 16.00
N LEU A 90 0.57 -5.20 14.67
CA LEU A 90 -0.56 -5.40 13.76
C LEU A 90 -1.08 -6.81 13.60
N TYR A 91 -2.38 -7.01 13.88
CA TYR A 91 -3.05 -8.30 13.73
C TYR A 91 -4.45 -8.11 13.22
N HIS A 92 -4.69 -8.52 11.97
CA HIS A 92 -5.98 -8.37 11.29
C HIS A 92 -5.97 -9.26 10.09
N GLU A 93 -7.14 -9.77 9.67
CA GLU A 93 -7.28 -10.67 8.52
C GLU A 93 -6.84 -10.11 7.18
N HIS A 94 -6.78 -8.77 7.07
CA HIS A 94 -6.40 -8.10 5.83
C HIS A 94 -5.11 -7.32 5.93
N ILE A 95 -4.19 -7.85 6.74
CA ILE A 95 -2.85 -7.38 7.02
C ILE A 95 -1.97 -8.63 6.92
N ILE A 96 -0.84 -8.54 6.18
CA ILE A 96 0.11 -9.62 6.01
C ILE A 96 0.56 -10.12 7.41
N LYS A 97 0.72 -11.44 7.54
CA LYS A 97 1.07 -12.04 8.81
C LYS A 97 2.52 -11.90 9.13
N TYR A 98 2.80 -11.29 10.29
CA TYR A 98 4.13 -11.21 10.82
C TYR A 98 4.44 -12.64 11.28
N LYS A 99 5.66 -13.12 11.05
CA LYS A 99 6.06 -14.48 11.39
C LYS A 99 7.17 -14.48 12.45
N GLY A 100 8.10 -13.58 12.29
CA GLY A 100 9.23 -13.44 13.18
C GLY A 100 10.34 -12.61 12.59
N CYS A 101 11.51 -12.74 13.18
CA CYS A 101 12.72 -12.05 12.76
C CYS A 101 13.86 -13.00 12.80
N CYS A 102 15.00 -12.57 12.27
CA CYS A 102 16.27 -13.28 12.32
C CYS A 102 17.39 -12.30 12.06
N GLU A 103 18.58 -12.62 12.58
CA GLU A 103 19.71 -11.74 12.42
C GLU A 103 20.32 -11.75 11.02
N ASP A 104 20.33 -10.56 10.42
CA ASP A 104 20.96 -10.28 9.14
C ASP A 104 22.31 -9.77 9.63
N ALA A 105 23.28 -10.69 9.75
CA ALA A 105 24.64 -10.38 10.20
C ALA A 105 25.39 -9.68 9.08
N GLY A 106 24.92 -9.86 7.85
CA GLY A 106 25.50 -9.23 6.66
C GLY A 106 25.20 -7.74 6.62
N ALA A 107 24.01 -7.34 7.10
CA ALA A 107 23.63 -5.94 7.14
C ALA A 107 23.60 -5.35 8.55
N ALA A 108 23.81 -6.19 9.57
CA ALA A 108 23.76 -5.82 11.01
C ALA A 108 22.45 -5.11 11.41
N SER A 109 21.36 -5.65 10.89
CA SER A 109 19.99 -5.25 11.18
C SER A 109 19.23 -6.57 11.27
N LEU A 110 17.94 -6.52 11.57
CA LEU A 110 17.20 -7.76 11.59
C LEU A 110 16.56 -7.93 10.22
N GLN A 111 15.91 -9.07 10.04
CA GLN A 111 15.19 -9.37 8.82
C GLN A 111 13.77 -9.61 9.23
N LEU A 112 12.84 -9.09 8.45
CA LEU A 112 11.42 -9.22 8.72
C LEU A 112 10.93 -10.46 7.97
N VAL A 113 10.48 -11.46 8.73
CA VAL A 113 9.97 -12.72 8.19
C VAL A 113 8.48 -12.64 8.26
N MET A 114 7.82 -12.70 7.10
CA MET A 114 6.35 -12.63 7.03
C MET A 114 5.85 -13.85 6.29
N GLU A 115 4.54 -13.98 6.17
CA GLU A 115 3.98 -15.11 5.41
C GLU A 115 4.20 -14.86 3.92
N TYR A 116 4.18 -15.91 3.12
CA TYR A 116 4.28 -15.78 1.68
C TYR A 116 2.85 -15.70 1.14
N VAL A 117 2.50 -14.58 0.48
CA VAL A 117 1.18 -14.43 -0.13
C VAL A 117 1.32 -14.93 -1.58
N PRO A 118 0.61 -16.03 -1.93
CA PRO A 118 0.89 -16.72 -3.19
C PRO A 118 0.70 -16.06 -4.53
N LEU A 119 -0.36 -15.29 -4.70
CA LEU A 119 -0.68 -14.68 -5.99
C LEU A 119 -0.05 -13.32 -6.32
N GLY A 120 0.76 -12.80 -5.40
CA GLY A 120 1.43 -11.50 -5.54
C GLY A 120 0.50 -10.33 -5.31
N SER A 121 0.93 -9.17 -5.81
CA SER A 121 0.23 -7.91 -5.68
C SER A 121 -0.87 -7.82 -6.76
N LEU A 122 -1.88 -6.96 -6.52
CA LEU A 122 -2.92 -6.73 -7.51
C LEU A 122 -2.31 -6.01 -8.73
N ARG A 123 -1.20 -5.30 -8.56
CA ARG A 123 -0.52 -4.64 -9.69
C ARG A 123 0.06 -5.71 -10.66
N ASP A 124 0.63 -6.80 -10.10
CA ASP A 124 1.19 -7.92 -10.86
C ASP A 124 0.04 -8.77 -11.40
N TYR A 125 -0.96 -9.04 -10.53
CA TYR A 125 -2.09 -9.91 -10.84
C TYR A 125 -3.12 -9.38 -11.84
N LEU A 126 -3.71 -8.20 -11.57
CA LEU A 126 -4.79 -7.65 -12.42
C LEU A 126 -4.56 -7.55 -13.94
N PRO A 127 -3.36 -7.12 -14.46
CA PRO A 127 -3.16 -7.08 -15.93
C PRO A 127 -3.30 -8.41 -16.67
N ARG A 128 -3.12 -9.56 -15.99
CA ARG A 128 -3.18 -10.88 -16.65
C ARG A 128 -4.44 -11.68 -16.28
N HIS A 129 -5.22 -11.17 -15.35
CA HIS A 129 -6.41 -11.88 -14.95
C HIS A 129 -7.60 -10.97 -14.99
N SER A 130 -8.44 -11.14 -16.02
CA SER A 130 -9.69 -10.39 -16.19
C SER A 130 -10.58 -10.81 -15.03
N ILE A 131 -10.73 -9.90 -14.07
CA ILE A 131 -11.49 -10.05 -12.83
C ILE A 131 -12.76 -9.21 -12.93
N GLY A 132 -13.85 -9.73 -12.38
CA GLY A 132 -15.14 -9.06 -12.40
C GLY A 132 -15.24 -7.90 -11.43
N LEU A 133 -16.12 -6.94 -11.75
CA LEU A 133 -16.40 -5.75 -10.95
C LEU A 133 -16.68 -6.08 -9.48
N ALA A 134 -17.50 -7.09 -9.24
CA ALA A 134 -17.92 -7.59 -7.94
C ALA A 134 -16.75 -8.04 -7.05
N GLN A 135 -15.78 -8.80 -7.62
CA GLN A 135 -14.58 -9.22 -6.90
C GLN A 135 -13.72 -7.99 -6.65
N LEU A 136 -13.66 -7.05 -7.61
CA LEU A 136 -12.90 -5.81 -7.43
C LEU A 136 -13.43 -5.01 -6.23
N LEU A 137 -14.78 -4.90 -6.09
CA LEU A 137 -15.43 -4.19 -4.99
C LEU A 137 -15.20 -4.85 -3.67
N LEU A 138 -15.12 -6.22 -3.68
CA LEU A 138 -14.82 -7.02 -2.52
C LEU A 138 -13.43 -6.70 -2.03
N PHE A 139 -12.45 -6.61 -2.95
CA PHE A 139 -11.07 -6.22 -2.63
C PHE A 139 -11.09 -4.83 -1.99
N ALA A 140 -11.75 -3.88 -2.65
CA ALA A 140 -11.89 -2.50 -2.15
C ALA A 140 -12.36 -2.46 -0.69
N GLN A 141 -13.45 -3.22 -0.38
CA GLN A 141 -14.02 -3.35 0.96
C GLN A 141 -12.98 -3.85 1.93
N GLN A 142 -12.31 -4.95 1.56
CA GLN A 142 -11.27 -5.60 2.38
C GLN A 142 -10.10 -4.67 2.67
N ILE A 143 -9.68 -3.89 1.68
CA ILE A 143 -8.63 -2.87 1.87
C ILE A 143 -9.06 -1.85 2.96
N CYS A 144 -10.33 -1.39 2.91
CA CYS A 144 -10.91 -0.46 3.91
C CYS A 144 -10.95 -1.01 5.31
N GLU A 145 -11.28 -2.33 5.42
CA GLU A 145 -11.31 -3.04 6.70
C GLU A 145 -9.93 -3.05 7.29
N GLY A 146 -8.92 -3.46 6.49
CA GLY A 146 -7.52 -3.44 6.91
C GLY A 146 -7.02 -2.05 7.29
N MET A 147 -7.44 -1.04 6.55
CA MET A 147 -7.04 0.35 6.81
C MET A 147 -7.72 0.99 8.02
N ALA A 148 -9.04 0.74 8.22
CA ALA A 148 -9.78 1.25 9.40
C ALA A 148 -9.13 0.65 10.65
N TYR A 149 -8.68 -0.62 10.54
CA TYR A 149 -7.94 -1.28 11.60
C TYR A 149 -6.63 -0.55 11.86
N LEU A 150 -5.79 -0.30 10.81
CA LEU A 150 -4.51 0.41 10.95
C LEU A 150 -4.69 1.78 11.67
N HIS A 151 -5.69 2.55 11.25
CA HIS A 151 -6.06 3.88 11.78
C HIS A 151 -6.58 3.80 13.23
N SER A 152 -7.24 2.69 13.62
CA SER A 152 -7.70 2.50 15.00
C SER A 152 -6.50 2.32 15.93
N GLN A 153 -5.38 1.79 15.40
CA GLN A 153 -4.11 1.58 16.11
C GLN A 153 -3.22 2.82 16.05
N HIS A 154 -3.78 3.93 15.51
CA HIS A 154 -3.15 5.26 15.36
C HIS A 154 -1.89 5.28 14.50
N TYR A 155 -1.99 4.66 13.33
CA TYR A 155 -0.92 4.60 12.35
C TYR A 155 -1.47 5.10 11.01
N ILE A 156 -0.66 5.83 10.22
CA ILE A 156 -0.99 6.24 8.85
C ILE A 156 -0.13 5.36 7.96
N HIS A 157 -0.66 4.92 6.81
CA HIS A 157 0.05 4.00 5.90
C HIS A 157 1.09 4.73 5.04
N ARG A 158 0.66 5.79 4.33
CA ARG A 158 1.51 6.62 3.46
C ARG A 158 1.91 6.02 2.11
N ASP A 159 1.52 4.78 1.80
CA ASP A 159 1.93 4.18 0.52
C ASP A 159 0.87 3.20 0.07
N LEU A 160 -0.38 3.61 0.28
CA LEU A 160 -1.51 2.78 -0.14
C LEU A 160 -1.63 2.83 -1.65
N ALA A 161 -1.23 1.72 -2.31
CA ALA A 161 -1.31 1.56 -3.75
C ALA A 161 -1.52 0.07 -4.03
N ALA A 162 -2.01 -0.25 -5.23
CA ALA A 162 -2.30 -1.62 -5.69
C ALA A 162 -1.10 -2.55 -5.63
N ARG A 163 0.12 -1.99 -5.74
CA ARG A 163 1.39 -2.73 -5.61
C ARG A 163 1.60 -3.20 -4.17
N ASN A 164 0.90 -2.58 -3.19
CA ASN A 164 1.08 -2.95 -1.78
C ASN A 164 -0.01 -3.82 -1.21
N VAL A 165 -0.92 -4.28 -2.08
CA VAL A 165 -2.07 -5.10 -1.75
C VAL A 165 -1.84 -6.50 -2.34
N LEU A 166 -1.62 -7.48 -1.47
CA LEU A 166 -1.36 -8.88 -1.84
C LEU A 166 -2.64 -9.73 -1.90
N LEU A 167 -2.72 -10.60 -2.91
CA LEU A 167 -3.86 -11.48 -3.20
C LEU A 167 -3.56 -12.91 -2.72
N ASP A 168 -4.31 -13.35 -1.72
CA ASP A 168 -4.11 -14.69 -1.14
C ASP A 168 -4.87 -15.74 -1.96
N ASN A 169 -6.14 -15.46 -2.22
CA ASN A 169 -7.06 -16.26 -3.03
C ASN A 169 -8.06 -15.26 -3.61
N ASP A 170 -8.83 -15.65 -4.65
CA ASP A 170 -9.84 -14.81 -5.33
C ASP A 170 -10.90 -14.10 -4.45
N ARG A 171 -10.86 -14.32 -3.12
CA ARG A 171 -11.75 -13.71 -2.15
C ARG A 171 -11.00 -13.17 -0.89
N LEU A 172 -9.65 -13.11 -0.92
CA LEU A 172 -8.86 -12.64 0.23
C LEU A 172 -7.70 -11.72 -0.18
N VAL A 173 -7.81 -10.45 0.25
CA VAL A 173 -6.79 -9.46 0.02
C VAL A 173 -6.15 -8.98 1.34
N LYS A 174 -4.86 -8.63 1.29
CA LYS A 174 -4.10 -8.21 2.47
C LYS A 174 -3.16 -7.05 2.15
N ILE A 175 -3.05 -6.06 3.06
CA ILE A 175 -2.05 -5.00 2.88
C ILE A 175 -0.70 -5.67 3.24
N GLY A 176 0.24 -5.74 2.30
CA GLY A 176 1.50 -6.46 2.52
C GLY A 176 2.81 -5.73 2.74
N ASP A 177 2.79 -4.39 2.83
CA ASP A 177 4.01 -3.61 3.06
C ASP A 177 3.65 -2.39 3.87
N PHE A 178 4.53 -2.04 4.84
CA PHE A 178 4.37 -0.92 5.77
C PHE A 178 5.64 -0.05 5.90
N GLY A 179 6.41 0.05 4.81
CA GLY A 179 7.68 0.78 4.75
C GLY A 179 7.57 2.26 5.08
N LEU A 180 6.43 2.87 4.78
CA LEU A 180 6.23 4.26 5.06
C LEU A 180 5.29 4.51 6.26
N ALA A 181 4.62 3.45 6.79
CA ALA A 181 3.68 3.60 7.93
C ALA A 181 4.33 4.33 9.12
N LYS A 182 3.56 5.22 9.74
CA LYS A 182 4.04 6.02 10.85
C LYS A 182 2.97 6.06 11.91
N ALA A 183 3.39 6.21 13.17
CA ALA A 183 2.51 6.40 14.31
C ALA A 183 2.00 7.86 14.31
N VAL A 184 0.69 8.07 14.47
CA VAL A 184 0.13 9.43 14.54
C VAL A 184 0.33 9.91 16.00
N PRO A 185 1.11 11.01 16.23
CA PRO A 185 1.35 11.47 17.62
C PRO A 185 0.10 11.75 18.47
N GLU A 186 0.25 11.65 19.80
CA GLU A 186 -0.80 11.83 20.82
C GLU A 186 -1.77 13.03 20.63
N GLY A 187 -1.26 14.25 20.76
CA GLY A 187 -2.07 15.46 20.60
C GLY A 187 -2.12 16.00 19.18
N HIS A 188 -2.02 15.11 18.17
CA HIS A 188 -2.03 15.49 16.76
C HIS A 188 -2.98 14.67 15.90
N GLU A 189 -3.45 15.28 14.81
CA GLU A 189 -4.39 14.73 13.82
C GLU A 189 -3.66 14.36 12.51
N PTR A 190 -2.37 14.73 12.41
CA PTR A 190 -1.50 14.46 11.26
C PTR A 190 -0.03 14.29 11.69
O PTR A 190 0.33 14.58 12.84
CB PTR A 190 -1.52 15.66 10.26
CG PTR A 190 -1.00 16.95 10.89
CD1 PTR A 190 -1.90 17.78 11.54
CD2 PTR A 190 0.35 17.33 10.82
CE1 PTR A 190 -1.49 18.96 12.14
CE2 PTR A 190 0.78 18.52 11.42
CZ PTR A 190 -0.15 19.35 12.10
OH PTR A 190 0.23 20.53 12.69
P PTR A 190 0.53 20.43 14.22
O1P PTR A 190 0.62 21.89 14.73
O2P PTR A 190 -0.57 19.75 15.05
O3P PTR A 190 1.89 19.72 14.33
N TYR A 191 0.80 13.88 10.74
CA TYR A 191 2.25 13.66 10.89
C TYR A 191 3.01 14.60 9.93
N ARG A 192 4.16 15.16 10.37
CA ARG A 192 4.99 16.06 9.54
C ARG A 192 5.97 15.22 8.73
N VAL A 193 5.80 15.20 7.40
CA VAL A 193 6.55 14.33 6.49
C VAL A 193 8.00 14.64 6.12
N ARG A 194 8.31 15.87 5.64
CA ARG A 194 9.65 16.26 5.14
C ARG A 194 9.94 15.38 3.88
N GLU A 195 9.21 15.70 2.77
CA GLU A 195 9.18 15.02 1.47
C GLU A 195 10.54 14.65 0.81
N ASP A 196 10.61 13.44 0.21
CA ASP A 196 11.79 12.88 -0.45
C ASP A 196 11.49 12.46 -1.90
N GLY A 197 12.52 11.95 -2.60
CA GLY A 197 12.43 11.49 -3.98
C GLY A 197 11.71 10.16 -4.16
N ASP A 198 11.54 9.39 -3.08
CA ASP A 198 10.84 8.10 -3.10
C ASP A 198 9.36 8.24 -2.75
N SER A 199 8.89 9.50 -2.54
CA SER A 199 7.50 9.80 -2.17
C SER A 199 6.53 9.48 -3.31
N PRO A 200 5.49 8.66 -3.03
CA PRO A 200 4.56 8.25 -4.10
C PRO A 200 3.53 9.35 -4.42
N VAL A 201 4.03 10.44 -5.01
CA VAL A 201 3.29 11.67 -5.34
C VAL A 201 2.00 11.49 -6.13
N PHE A 202 1.95 10.51 -7.03
CA PHE A 202 0.77 10.33 -7.84
C PHE A 202 -0.39 9.63 -7.11
N TRP A 203 -0.16 9.26 -5.81
CA TRP A 203 -1.13 8.64 -4.90
C TRP A 203 -1.42 9.59 -3.71
N TYR A 204 -0.78 10.79 -3.71
CA TYR A 204 -0.83 11.78 -2.64
C TYR A 204 -1.85 12.93 -2.74
N ALA A 205 -2.50 13.19 -1.63
CA ALA A 205 -3.50 14.26 -1.53
C ALA A 205 -2.83 15.66 -1.59
N PRO A 206 -3.54 16.75 -1.97
CA PRO A 206 -2.89 18.08 -2.03
C PRO A 206 -2.20 18.53 -0.75
N GLU A 207 -2.83 18.28 0.42
CA GLU A 207 -2.26 18.68 1.72
C GLU A 207 -0.89 18.04 2.02
N CYS A 208 -0.60 16.88 1.38
CA CYS A 208 0.64 16.13 1.50
C CYS A 208 1.74 16.76 0.64
N LEU A 209 1.44 16.96 -0.64
CA LEU A 209 2.32 17.57 -1.63
C LEU A 209 2.73 18.99 -1.25
N LYS A 210 1.75 19.81 -0.82
CA LYS A 210 1.82 21.23 -0.49
C LYS A 210 2.28 21.63 0.93
N GLU A 211 1.53 21.21 1.98
CA GLU A 211 1.79 21.58 3.38
C GLU A 211 2.68 20.59 4.14
N TYR A 212 3.05 19.45 3.50
CA TYR A 212 3.89 18.39 4.07
C TYR A 212 3.29 17.72 5.33
N LYS A 213 1.97 17.60 5.38
CA LYS A 213 1.27 16.98 6.50
C LYS A 213 0.43 15.82 6.00
N PHE A 214 0.55 14.68 6.66
CA PHE A 214 -0.18 13.48 6.28
C PHE A 214 -1.19 13.16 7.36
N TYR A 215 -2.49 13.24 7.00
CA TYR A 215 -3.63 13.00 7.89
C TYR A 215 -4.15 11.59 7.72
N TYR A 216 -5.20 11.20 8.47
CA TYR A 216 -5.83 9.88 8.33
C TYR A 216 -6.58 9.91 7.01
N ALA A 217 -7.17 11.07 6.68
CA ALA A 217 -7.89 11.43 5.46
C ALA A 217 -6.99 11.37 4.22
N SER A 218 -5.67 11.55 4.41
CA SER A 218 -4.68 11.47 3.34
C SER A 218 -4.56 10.04 2.83
N ASP A 219 -4.70 9.06 3.74
CA ASP A 219 -4.72 7.65 3.35
C ASP A 219 -5.98 7.35 2.56
N VAL A 220 -7.14 8.03 2.88
CA VAL A 220 -8.40 7.86 2.14
C VAL A 220 -8.28 8.34 0.70
N TRP A 221 -7.55 9.49 0.44
CA TRP A 221 -7.29 9.95 -0.93
C TRP A 221 -6.55 8.86 -1.71
N SER A 222 -5.50 8.28 -1.07
CA SER A 222 -4.69 7.20 -1.65
C SER A 222 -5.53 5.95 -1.96
N PHE A 223 -6.53 5.65 -1.10
CA PHE A 223 -7.43 4.52 -1.34
C PHE A 223 -8.25 4.78 -2.63
N GLY A 224 -8.64 6.03 -2.85
CA GLY A 224 -9.36 6.41 -4.06
C GLY A 224 -8.52 6.15 -5.30
N VAL A 225 -7.23 6.35 -5.19
CA VAL A 225 -6.28 6.11 -6.28
C VAL A 225 -6.16 4.59 -6.47
N THR A 226 -6.06 3.85 -5.36
CA THR A 226 -5.96 2.37 -5.42
C THR A 226 -7.25 1.78 -6.04
N LEU A 227 -8.40 2.38 -5.72
CA LEU A 227 -9.68 1.96 -6.28
C LEU A 227 -9.70 2.21 -7.81
N TYR A 228 -9.16 3.35 -8.28
CA TYR A 228 -9.00 3.68 -9.71
C TYR A 228 -8.13 2.61 -10.41
N GLU A 229 -7.01 2.19 -9.75
CA GLU A 229 -6.08 1.17 -10.26
C GLU A 229 -6.79 -0.16 -10.44
N LEU A 230 -7.61 -0.52 -9.43
CA LEU A 230 -8.37 -1.79 -9.45
C LEU A 230 -9.34 -1.81 -10.63
N LEU A 231 -10.05 -0.70 -10.83
CA LEU A 231 -11.03 -0.52 -11.89
C LEU A 231 -10.43 -0.41 -13.29
N THR A 232 -9.13 -0.11 -13.40
CA THR A 232 -8.41 -0.07 -14.69
C THR A 232 -7.66 -1.39 -14.87
N HIS A 233 -7.78 -2.32 -13.90
CA HIS A 233 -7.12 -3.64 -13.85
C HIS A 233 -5.60 -3.46 -13.84
N CYS A 234 -5.14 -2.36 -13.25
CA CYS A 234 -3.73 -2.00 -13.19
C CYS A 234 -3.04 -1.92 -14.59
N ASP A 235 -3.78 -1.52 -15.62
CA ASP A 235 -3.24 -1.31 -16.99
C ASP A 235 -2.26 -0.17 -16.89
N SER A 236 -0.99 -0.41 -17.24
CA SER A 236 0.10 0.58 -17.16
C SER A 236 -0.12 1.87 -17.92
N SER A 237 -0.78 1.81 -19.08
CA SER A 237 -1.07 3.00 -19.88
C SER A 237 -2.14 3.87 -19.20
N GLN A 238 -2.93 3.25 -18.34
CA GLN A 238 -3.98 3.95 -17.61
C GLN A 238 -3.54 4.30 -16.18
N SER A 239 -2.26 4.07 -15.83
CA SER A 239 -1.76 4.29 -14.47
C SER A 239 -1.75 5.73 -13.98
N PRO A 240 -1.84 5.97 -12.64
CA PRO A 240 -1.74 7.35 -12.13
C PRO A 240 -0.50 8.15 -12.62
N PRO A 241 0.78 7.64 -12.56
CA PRO A 241 1.90 8.42 -13.12
C PRO A 241 1.72 8.67 -14.62
N THR A 242 1.25 7.67 -15.39
CA THR A 242 1.01 7.83 -16.85
C THR A 242 -0.01 8.93 -17.18
N LYS A 243 -1.20 8.86 -16.57
CA LYS A 243 -2.28 9.83 -16.74
C LYS A 243 -1.93 11.21 -16.22
N PHE A 244 -1.35 11.32 -15.01
CA PHE A 244 -0.94 12.64 -14.48
C PHE A 244 0.20 13.31 -15.26
N LEU A 245 1.21 12.53 -15.71
CA LEU A 245 2.31 13.07 -16.51
C LEU A 245 1.83 13.48 -17.91
N GLU A 246 0.80 12.82 -18.47
CA GLU A 246 0.16 13.26 -19.73
C GLU A 246 -0.45 14.70 -19.52
N LEU A 247 -1.16 14.93 -18.39
CA LEU A 247 -1.78 16.22 -18.03
C LEU A 247 -0.77 17.34 -17.71
N ILE A 248 0.32 17.04 -17.00
CA ILE A 248 1.37 17.98 -16.58
C ILE A 248 2.37 18.23 -17.72
N GLY A 249 2.74 17.16 -18.45
CA GLY A 249 3.76 17.20 -19.48
C GLY A 249 5.11 16.85 -18.87
N ILE A 250 6.13 16.63 -19.72
CA ILE A 250 7.45 16.22 -19.26
C ILE A 250 8.59 17.23 -19.40
N ALA A 251 8.39 18.31 -20.16
CA ALA A 251 9.40 19.37 -20.34
C ALA A 251 9.40 20.33 -19.15
N GLN A 252 8.64 19.98 -18.09
CA GLN A 252 8.38 20.77 -16.87
C GLN A 252 9.40 20.70 -15.75
N GLY A 253 10.67 20.43 -16.10
CA GLY A 253 11.80 20.40 -15.17
C GLY A 253 11.53 19.89 -13.76
N GLN A 254 11.98 20.69 -12.80
CA GLN A 254 11.89 20.54 -11.36
C GLN A 254 10.45 20.80 -10.84
N MET A 255 9.48 20.99 -11.75
CA MET A 255 8.11 21.32 -11.38
C MET A 255 6.99 20.31 -11.59
N THR A 256 7.27 19.00 -11.59
CA THR A 256 6.20 18.01 -11.73
C THR A 256 5.20 18.12 -10.56
N VAL A 257 5.72 18.22 -9.33
CA VAL A 257 4.94 18.28 -8.10
C VAL A 257 4.12 19.56 -8.00
N LEU A 258 4.69 20.71 -8.36
CA LEU A 258 3.98 21.98 -8.31
C LEU A 258 2.85 21.98 -9.29
N ARG A 259 3.11 21.51 -10.51
CA ARG A 259 2.09 21.38 -11.55
C ARG A 259 1.05 20.30 -11.20
N LEU A 260 1.42 19.29 -10.41
CA LEU A 260 0.46 18.26 -9.98
C LEU A 260 -0.46 18.87 -8.94
N THR A 261 0.11 19.61 -7.99
CA THR A 261 -0.61 20.30 -6.93
C THR A 261 -1.67 21.25 -7.48
N GLU A 262 -1.30 22.06 -8.48
CA GLU A 262 -2.21 23.04 -9.05
C GLU A 262 -3.32 22.45 -9.91
N LEU A 263 -3.05 21.33 -10.62
CA LEU A 263 -4.10 20.68 -11.38
C LEU A 263 -5.14 20.09 -10.40
N LEU A 264 -4.69 19.50 -9.26
CA LEU A 264 -5.54 18.93 -8.20
C LEU A 264 -6.36 20.03 -7.56
N GLU A 265 -5.72 21.17 -7.27
CA GLU A 265 -6.37 22.36 -6.72
C GLU A 265 -7.38 23.02 -7.68
N ARG A 266 -7.23 22.83 -9.00
CA ARG A 266 -8.19 23.30 -10.02
C ARG A 266 -9.37 22.33 -10.18
N GLY A 267 -9.33 21.19 -9.46
CA GLY A 267 -10.37 20.18 -9.47
C GLY A 267 -10.20 19.07 -10.49
N GLU A 268 -9.04 19.03 -11.18
CA GLU A 268 -8.75 18.02 -12.19
C GLU A 268 -8.49 16.68 -11.51
N ARG A 269 -9.03 15.61 -12.08
CA ARG A 269 -8.97 14.31 -11.49
C ARG A 269 -8.61 13.24 -12.51
N LEU A 270 -8.31 12.02 -12.04
CA LEU A 270 -8.04 10.89 -12.94
C LEU A 270 -9.37 10.56 -13.65
N PRO A 271 -9.36 10.19 -14.95
CA PRO A 271 -10.64 9.96 -15.65
C PRO A 271 -11.46 8.79 -15.11
N ARG A 272 -12.68 8.65 -15.62
CA ARG A 272 -13.54 7.56 -15.21
C ARG A 272 -13.05 6.32 -15.96
N PRO A 273 -12.70 5.23 -15.24
CA PRO A 273 -12.21 4.03 -15.95
C PRO A 273 -13.34 3.42 -16.78
N ASP A 274 -13.04 2.98 -18.01
CA ASP A 274 -14.02 2.35 -18.88
C ASP A 274 -14.70 1.19 -18.15
N LYS A 275 -16.04 1.10 -18.24
CA LYS A 275 -16.87 0.08 -17.59
C LYS A 275 -16.98 0.22 -16.05
N CYS A 276 -16.47 1.33 -15.50
CA CYS A 276 -16.60 1.63 -14.06
C CYS A 276 -17.99 2.26 -13.86
N PRO A 277 -18.81 1.79 -12.88
CA PRO A 277 -20.12 2.43 -12.63
C PRO A 277 -19.98 3.86 -12.14
N ALA A 278 -21.01 4.68 -12.43
CA ALA A 278 -21.07 6.08 -12.06
C ALA A 278 -21.05 6.27 -10.54
N GLU A 279 -21.72 5.40 -9.77
CA GLU A 279 -21.75 5.52 -8.31
C GLU A 279 -20.41 5.28 -7.65
N VAL A 280 -19.67 4.29 -8.17
CA VAL A 280 -18.32 3.90 -7.74
C VAL A 280 -17.34 5.02 -8.11
N TYR A 281 -17.45 5.59 -9.32
CA TYR A 281 -16.63 6.74 -9.71
C TYR A 281 -16.92 7.95 -8.78
N HIS A 282 -18.20 8.13 -8.36
CA HIS A 282 -18.59 9.22 -7.43
C HIS A 282 -17.91 9.05 -6.10
N LEU A 283 -17.83 7.79 -5.62
CA LEU A 283 -17.15 7.39 -4.39
C LEU A 283 -15.64 7.73 -4.47
N MET A 284 -14.96 7.41 -5.61
CA MET A 284 -13.55 7.74 -5.90
C MET A 284 -13.37 9.28 -5.79
N LYS A 285 -14.26 10.05 -6.43
CA LYS A 285 -14.26 11.52 -6.39
C LYS A 285 -14.47 12.03 -4.97
N ASN A 286 -15.27 11.32 -4.15
CA ASN A 286 -15.52 11.68 -2.76
C ASN A 286 -14.28 11.41 -1.88
N CYS A 287 -13.49 10.39 -2.25
CA CYS A 287 -12.22 10.10 -1.58
C CYS A 287 -11.17 11.14 -1.98
N TRP A 288 -11.35 11.77 -3.16
CA TRP A 288 -10.47 12.80 -3.68
C TRP A 288 -10.98 14.23 -3.52
N GLU A 289 -11.80 14.50 -2.52
CA GLU A 289 -12.22 15.88 -2.25
C GLU A 289 -10.95 16.64 -1.92
N THR A 290 -10.76 17.85 -2.47
CA THR A 290 -9.59 18.69 -2.15
C THR A 290 -9.51 18.96 -0.62
N GLU A 291 -10.67 19.29 0.00
CA GLU A 291 -10.82 19.49 1.43
C GLU A 291 -10.88 18.12 2.12
N ALA A 292 -9.81 17.77 2.86
CA ALA A 292 -9.60 16.50 3.54
C ALA A 292 -10.70 16.13 4.50
N SER A 293 -11.32 17.15 5.14
CA SER A 293 -12.40 16.95 6.11
C SER A 293 -13.70 16.49 5.46
N PHE A 294 -13.84 16.72 4.14
CA PHE A 294 -15.01 16.32 3.31
C PHE A 294 -14.93 14.85 2.84
N ARG A 295 -13.75 14.24 2.96
CA ARG A 295 -13.53 12.84 2.58
C ARG A 295 -14.18 11.90 3.59
N PRO A 296 -14.73 10.74 3.17
CA PRO A 296 -15.26 9.80 4.17
C PRO A 296 -14.08 9.15 4.90
N THR A 297 -14.34 8.56 6.05
CA THR A 297 -13.25 7.86 6.73
C THR A 297 -13.32 6.42 6.20
N PHE A 298 -12.36 5.55 6.60
CA PHE A 298 -12.43 4.14 6.20
C PHE A 298 -13.60 3.43 6.94
N GLU A 299 -13.89 3.81 8.22
CA GLU A 299 -15.05 3.22 8.95
C GLU A 299 -16.33 3.54 8.18
N ASN A 300 -16.46 4.75 7.61
CA ASN A 300 -17.60 5.20 6.78
C ASN A 300 -17.70 4.43 5.47
N LEU A 301 -16.55 4.04 4.89
CA LEU A 301 -16.53 3.39 3.59
C LEU A 301 -16.99 1.94 3.61
N ILE A 302 -16.68 1.22 4.69
CA ILE A 302 -17.02 -0.20 4.93
C ILE A 302 -18.50 -0.56 4.69
N PRO A 303 -19.52 0.11 5.34
CA PRO A 303 -20.93 -0.25 5.06
C PRO A 303 -21.36 0.06 3.64
N ILE A 304 -20.78 1.14 3.06
CA ILE A 304 -21.04 1.64 1.71
C ILE A 304 -20.54 0.67 0.64
N LEU A 305 -19.32 0.16 0.85
CA LEU A 305 -18.74 -0.77 -0.12
C LEU A 305 -19.42 -2.14 0.01
N LYS A 306 -19.73 -2.60 1.27
CA LYS A 306 -20.45 -3.87 1.58
C LYS A 306 -21.75 -3.95 0.79
N THR A 307 -22.44 -2.81 0.68
CA THR A 307 -23.71 -2.59 0.00
C THR A 307 -23.55 -2.48 -1.51
N VAL A 308 -22.47 -1.81 -1.98
CA VAL A 308 -22.24 -1.67 -3.43
C VAL A 308 -21.74 -3.02 -4.01
N HIS A 309 -21.03 -3.80 -3.18
CA HIS A 309 -20.54 -5.13 -3.52
C HIS A 309 -21.73 -6.07 -3.77
N GLU A 310 -22.63 -6.23 -2.75
CA GLU A 310 -23.87 -7.03 -2.86
C GLU A 310 -24.62 -6.67 -4.14
N LYS A 311 -24.82 -5.37 -4.39
CA LYS A 311 -25.50 -4.85 -5.57
C LYS A 311 -24.96 -5.44 -6.87
N TYR A 312 -23.63 -5.39 -7.06
CA TYR A 312 -23.01 -5.89 -8.28
C TYR A 312 -22.77 -7.41 -8.29
N GLN A 313 -22.76 -8.03 -7.10
CA GLN A 313 -22.61 -9.48 -6.93
C GLN A 313 -23.89 -10.21 -7.42
N GLY A 314 -24.95 -9.44 -7.70
CA GLY A 314 -26.22 -9.95 -8.21
C GLY A 314 -26.29 -9.83 -9.73
N3 R4V B . 5.07 -10.48 -1.79
C4 R4V B . 6.12 -6.06 -0.87
N2 R4V B . 4.33 -12.22 -0.20
C7 R4V B . 5.42 -9.68 -0.72
C6 R4V B . 5.70 -7.90 -2.44
C9 R4V B . 4.76 -11.44 0.80
C13 R4V B . 5.13 -11.30 -4.49
C8 R4V B . 5.35 -10.18 0.61
N5 R4V B . 4.83 -12.99 -6.02
C18 R4V B . 10.56 -3.70 -0.91
C16 R4V B . 9.03 -3.68 -0.78
C1 R4V B . 3.51 -6.13 -1.14
C2 R4V B . 4.84 -5.59 -1.55
C3 R4V B . 5.86 -6.40 -2.33
C5 R4V B . 6.06 -7.34 -0.04
N1 R4V B . 5.82 -8.40 -1.04
C10 R4V B . 4.54 -11.70 -1.48
N4 R4V B . 4.09 -12.51 -2.51
C11 R4V B . 4.49 -12.36 -3.84
C12 R4V B . 4.31 -13.39 -4.83
N6 R4V B . 5.31 -11.74 -5.81
C14 R4V B . 6.02 -10.99 -6.85
F1 R4V B . 5.79 -9.50 1.67
N7 R4V B . 7.10 -5.11 -0.46
C15 R4V B . 8.28 -4.91 -1.16
O1 R4V B . 8.66 -5.67 -2.05
C17 R4V B . 9.74 -2.92 -1.91
F2 R4V B . 11.29 -3.10 0.04
F3 R4V B . 11.24 -4.79 -1.24
H9 R4V B . 4.72 -8.17 -2.91
H10 R4V B . 6.49 -8.35 -3.08
H11 R4V B . 4.64 -11.86 1.81
H14 R4V B . 5.45 -10.32 -4.14
H3 R4V B . 8.62 -3.07 0.05
H5 R4V B . 3.16 -5.66 -0.20
H6 R4V B . 3.48 -7.21 -0.97
H4 R4V B . 2.74 -5.92 -1.90
H1 R4V B . 4.78 -4.51 -1.80
H2 R4V B . 6.39 -5.93 -3.17
H8 R4V B . 5.24 -7.29 0.72
H7 R4V B . 7.00 -7.54 0.52
H12 R4V B . 3.66 -13.40 -2.26
H13 R4V B . 3.84 -14.36 -4.72
H16 R4V B . 5.62 -9.96 -6.93
H15 R4V B . 5.92 -11.48 -7.83
H17 R4V B . 7.10 -10.92 -6.62
H18 R4V B . 6.85 -4.54 0.33
H19 R4V B . 9.66 -3.28 -2.93
H20 R4V B . 9.74 -1.82 -1.90
#